data_5UM2
#
_entry.id   5UM2
#
_cell.length_a   183.060
_cell.length_b   54.540
_cell.length_c   34.200
_cell.angle_alpha   90.00
_cell.angle_beta   98.90
_cell.angle_gamma   90.00
#
_symmetry.space_group_name_H-M   'C 1 2 1'
#
loop_
_entity.id
_entity.type
_entity.pdbx_description
1 polymer 'ABC transporter sulfate binding protein'
2 non-polymer 'SULFATE ION'
3 non-polymer GLYCEROL
4 water water
#
_entity_poly.entity_id   1
_entity_poly.type   'polypeptide(L)'
_entity_poly.pdbx_seq_one_letter_code
;MGSSHHHHHHSSGLVPRGSHREIGLLNVSYDPTREFYRDYNAAFAAQWKQQHPQDTVTVETSHGGSGKQARAVIDGIEAD
VVTLALAYDVDAIAQKAKLIETDWEKRLPDNSAPYTSTIVFLVRKGNPKNIHDWPDLLRSGVAVVTPNPKTSGGARWNYL
AAWAYADHIFKGDRERILRYMQALFRNVPVLDTGARGATTTFVQRGIGDVLLAWENEALLAREELGKDKFEIVVPKLSIL
AEPSVALVDKNVDKHGTREVAEAYLRYLYAPEGQKLAAKHFYRPRHPEFADPADIARFPEIKLVTIQQAFGSWEKAQQEH
FADGGVFDQIQANK
;
_entity_poly.pdbx_strand_id   A
#
# COMPACT_ATOMS: atom_id res chain seq x y z
N SER A 19 17.45 -23.23 22.44
CA SER A 19 16.82 -23.96 23.52
C SER A 19 15.39 -24.39 23.24
N HIS A 20 14.54 -24.24 24.25
CA HIS A 20 13.22 -24.85 24.27
C HIS A 20 12.43 -24.73 22.96
N ARG A 21 12.40 -23.56 22.33
CA ARG A 21 11.36 -23.31 21.33
C ARG A 21 11.87 -22.58 20.08
N GLU A 22 11.40 -23.03 18.92
CA GLU A 22 11.56 -22.33 17.65
C GLU A 22 10.17 -22.01 17.12
N ILE A 23 9.92 -20.73 16.88
CA ILE A 23 8.60 -20.25 16.47
C ILE A 23 8.75 -19.69 15.08
N GLY A 24 7.97 -20.23 14.14
CA GLY A 24 7.95 -19.75 12.78
C GLY A 24 6.67 -18.96 12.53
N LEU A 25 6.83 -17.79 11.96
CA LEU A 25 5.70 -16.97 11.54
C LEU A 25 5.81 -16.66 10.05
N LEU A 26 4.67 -16.69 9.39
CA LEU A 26 4.54 -16.23 8.00
C LEU A 26 3.72 -14.95 7.99
N ASN A 27 4.31 -13.89 7.48
CA ASN A 27 3.63 -12.62 7.23
C ASN A 27 3.43 -12.49 5.72
N VAL A 28 2.18 -12.52 5.28
CA VAL A 28 1.86 -12.26 3.87
C VAL A 28 1.60 -10.77 3.72
N SER A 29 2.47 -10.11 2.96
CA SER A 29 2.48 -8.66 2.84
C SER A 29 2.26 -8.22 1.40
N TYR A 30 2.13 -6.92 1.24
CA TYR A 30 2.04 -6.31 -0.08
C TYR A 30 3.47 -6.07 -0.63
N ASP A 31 3.56 -5.39 -1.77
CA ASP A 31 4.77 -5.51 -2.58
C ASP A 31 5.98 -4.66 -2.14
N PRO A 32 5.81 -3.39 -1.77
CA PRO A 32 6.98 -2.55 -1.53
C PRO A 32 7.53 -2.64 -0.13
N THR A 33 7.01 -3.50 0.73
CA THR A 33 7.42 -3.57 2.12
C THR A 33 8.64 -4.50 2.31
N ARG A 34 9.30 -4.91 1.24
CA ARG A 34 10.41 -5.84 1.31
C ARG A 34 11.50 -5.33 2.26
N GLU A 35 11.97 -4.10 2.05
CA GLU A 35 13.07 -3.55 2.83
C GLU A 35 12.66 -3.35 4.28
N PHE A 36 11.46 -2.83 4.50
CA PHE A 36 10.96 -2.62 5.86
C PHE A 36 10.94 -3.92 6.65
N TYR A 37 10.36 -4.98 6.09
CA TYR A 37 10.21 -6.20 6.88
C TYR A 37 11.53 -6.93 7.08
N ARG A 38 12.49 -6.82 6.17
CA ARG A 38 13.80 -7.38 6.49
C ARG A 38 14.36 -6.77 7.77
N ASP A 39 14.19 -5.46 7.92
N ASP A 39 14.25 -5.45 7.93
CA ASP A 39 14.67 -4.73 9.08
CA ASP A 39 14.73 -4.82 9.16
C ASP A 39 13.80 -5.03 10.31
C ASP A 39 13.79 -5.10 10.33
N TYR A 40 12.49 -4.92 10.14
CA TYR A 40 11.56 -5.08 11.26
C TYR A 40 11.58 -6.49 11.80
N ASN A 41 11.60 -7.50 10.92
CA ASN A 41 11.59 -8.87 11.39
C ASN A 41 12.79 -9.14 12.28
N ALA A 42 13.95 -8.67 11.87
CA ALA A 42 15.15 -8.88 12.67
C ALA A 42 15.05 -8.17 14.02
N ALA A 43 14.52 -6.96 14.02
CA ALA A 43 14.37 -6.21 15.25
C ALA A 43 13.38 -6.86 16.20
N PHE A 44 12.24 -7.30 15.66
CA PHE A 44 11.26 -7.95 16.51
C PHE A 44 11.82 -9.23 17.10
N ALA A 45 12.44 -10.06 16.25
CA ALA A 45 12.95 -11.33 16.73
C ALA A 45 14.01 -11.13 17.80
N ALA A 46 14.88 -10.14 17.61
CA ALA A 46 15.97 -9.90 18.56
C ALA A 46 15.42 -9.47 19.91
N GLN A 47 14.45 -8.54 19.91
CA GLN A 47 13.95 -8.10 21.22
C GLN A 47 13.10 -9.17 21.89
N TRP A 48 12.39 -9.98 21.12
CA TRP A 48 11.66 -11.10 21.71
C TRP A 48 12.62 -12.05 22.41
N LYS A 49 13.65 -12.48 21.69
CA LYS A 49 14.61 -13.42 22.26
C LYS A 49 15.31 -12.82 23.47
N GLN A 50 15.55 -11.52 23.48
CA GLN A 50 16.17 -10.89 24.65
C GLN A 50 15.35 -11.17 25.90
N GLN A 51 14.04 -11.00 25.84
CA GLN A 51 13.18 -11.21 27.00
C GLN A 51 12.71 -12.65 27.18
N HIS A 52 12.84 -13.48 26.14
CA HIS A 52 12.40 -14.87 26.11
C HIS A 52 13.55 -15.68 25.54
N PRO A 53 14.59 -15.95 26.34
CA PRO A 53 15.85 -16.45 25.78
C PRO A 53 15.77 -17.85 25.20
N GLN A 54 14.79 -18.64 25.60
CA GLN A 54 14.63 -19.97 25.04
C GLN A 54 13.90 -19.98 23.70
N ASP A 55 13.39 -18.84 23.24
CA ASP A 55 12.65 -18.74 21.99
C ASP A 55 13.54 -18.20 20.87
N THR A 56 13.34 -18.72 19.67
CA THR A 56 13.88 -18.14 18.46
C THR A 56 12.72 -17.96 17.50
N VAL A 57 12.46 -16.71 17.10
CA VAL A 57 11.37 -16.39 16.20
C VAL A 57 11.95 -16.21 14.82
N THR A 58 11.47 -17.00 13.88
CA THR A 58 11.89 -16.90 12.49
C THR A 58 10.67 -16.45 11.70
N VAL A 59 10.72 -15.26 11.12
CA VAL A 59 9.63 -14.72 10.34
C VAL A 59 10.01 -14.77 8.87
N GLU A 60 9.11 -15.31 8.07
CA GLU A 60 9.19 -15.19 6.62
C GLU A 60 8.14 -14.17 6.20
N THR A 61 8.51 -13.25 5.32
CA THR A 61 7.54 -12.31 4.75
C THR A 61 7.48 -12.54 3.24
N SER A 62 6.28 -12.76 2.72
N SER A 62 6.26 -12.73 2.73
CA SER A 62 6.15 -12.81 1.27
CA SER A 62 5.95 -12.85 1.32
C SER A 62 5.53 -11.52 0.79
C SER A 62 5.46 -11.50 0.79
N HIS A 63 5.76 -11.21 -0.48
CA HIS A 63 5.40 -9.94 -1.08
C HIS A 63 4.76 -10.14 -2.45
N GLY A 64 3.76 -9.33 -2.73
CA GLY A 64 3.13 -9.29 -4.04
C GLY A 64 2.02 -8.26 -4.01
N GLY A 65 1.33 -8.12 -5.13
CA GLY A 65 0.17 -7.26 -5.14
C GLY A 65 -0.81 -7.68 -4.06
N SER A 66 -1.35 -6.70 -3.33
CA SER A 66 -2.13 -6.97 -2.14
C SER A 66 -3.33 -7.84 -2.42
N GLY A 67 -4.04 -7.61 -3.53
CA GLY A 67 -5.21 -8.41 -3.82
C GLY A 67 -4.85 -9.85 -4.14
N LYS A 68 -3.79 -10.04 -4.92
CA LYS A 68 -3.32 -11.38 -5.26
C LYS A 68 -2.83 -12.11 -4.01
N GLN A 69 -2.14 -11.40 -3.12
CA GLN A 69 -1.68 -11.98 -1.87
C GLN A 69 -2.85 -12.41 -1.00
N ALA A 70 -3.88 -11.58 -0.91
CA ALA A 70 -5.07 -11.96 -0.14
C ALA A 70 -5.71 -13.20 -0.70
N ARG A 71 -5.83 -13.29 -2.03
CA ARG A 71 -6.39 -14.49 -2.65
C ARG A 71 -5.54 -15.71 -2.34
N ALA A 72 -4.23 -15.53 -2.25
CA ALA A 72 -3.35 -16.65 -1.96
C ALA A 72 -3.60 -17.19 -0.56
N VAL A 73 -3.85 -16.30 0.41
CA VAL A 73 -4.19 -16.73 1.77
C VAL A 73 -5.52 -17.47 1.76
N ILE A 74 -6.52 -16.89 1.09
CA ILE A 74 -7.82 -17.53 0.99
C ILE A 74 -7.68 -18.92 0.41
N ASP A 75 -6.80 -19.09 -0.57
CA ASP A 75 -6.61 -20.36 -1.27
C ASP A 75 -5.68 -21.31 -0.54
N GLY A 76 -5.14 -20.94 0.63
CA GLY A 76 -4.47 -21.91 1.48
C GLY A 76 -3.08 -21.58 1.95
N ILE A 77 -2.50 -20.44 1.56
CA ILE A 77 -1.22 -20.05 2.14
C ILE A 77 -1.48 -19.67 3.59
N GLU A 78 -0.87 -20.39 4.53
CA GLU A 78 -1.27 -20.28 5.93
C GLU A 78 -0.50 -19.17 6.65
N ALA A 79 -0.82 -17.95 6.24
CA ALA A 79 -0.28 -16.78 6.91
C ALA A 79 -0.70 -16.75 8.38
N ASP A 80 0.25 -16.40 9.25
CA ASP A 80 -0.09 -16.11 10.63
C ASP A 80 -0.60 -14.69 10.78
N VAL A 81 -0.03 -13.77 10.01
CA VAL A 81 -0.48 -12.39 9.97
C VAL A 81 -0.52 -11.96 8.52
N VAL A 82 -1.35 -10.97 8.24
CA VAL A 82 -1.36 -10.30 6.95
C VAL A 82 -1.07 -8.83 7.17
N THR A 83 -0.23 -8.28 6.32
CA THR A 83 0.13 -6.87 6.38
C THR A 83 -0.09 -6.36 4.96
N LEU A 84 -1.33 -5.97 4.67
CA LEU A 84 -1.79 -5.71 3.31
C LEU A 84 -1.94 -4.22 3.05
N ALA A 85 -2.30 -3.88 1.81
CA ALA A 85 -2.23 -2.49 1.38
C ALA A 85 -3.42 -1.67 1.79
N LEU A 86 -4.52 -2.30 2.18
CA LEU A 86 -5.79 -1.61 2.36
C LEU A 86 -6.76 -2.58 3.03
N ALA A 87 -7.80 -2.02 3.64
CA ALA A 87 -8.64 -2.80 4.55
C ALA A 87 -9.50 -3.82 3.80
N TYR A 88 -9.98 -3.50 2.60
CA TYR A 88 -10.85 -4.43 1.90
C TYR A 88 -10.21 -5.80 1.78
N ASP A 89 -8.90 -5.85 1.50
CA ASP A 89 -8.29 -7.14 1.22
C ASP A 89 -8.30 -8.03 2.47
N VAL A 90 -8.16 -7.42 3.65
CA VAL A 90 -8.29 -8.16 4.90
C VAL A 90 -9.74 -8.58 5.13
N ASP A 91 -10.69 -7.66 4.92
CA ASP A 91 -12.11 -7.99 5.01
C ASP A 91 -12.48 -9.16 4.11
N ALA A 92 -11.87 -9.22 2.92
CA ALA A 92 -12.18 -10.32 2.00
C ALA A 92 -11.73 -11.66 2.55
N ILE A 93 -10.56 -11.71 3.19
CA ILE A 93 -10.13 -12.95 3.83
C ILE A 93 -11.12 -13.37 4.90
N ALA A 94 -11.57 -12.42 5.72
CA ALA A 94 -12.52 -12.71 6.78
C ALA A 94 -13.86 -13.18 6.22
N GLN A 95 -14.34 -12.53 5.15
N GLN A 95 -14.35 -12.51 5.16
CA GLN A 95 -15.66 -12.82 4.60
CA GLN A 95 -15.66 -12.81 4.60
C GLN A 95 -15.68 -14.10 3.79
C GLN A 95 -15.65 -14.12 3.83
N LYS A 96 -14.68 -14.28 2.94
CA LYS A 96 -14.71 -15.34 1.95
C LYS A 96 -14.08 -16.62 2.44
N ALA A 97 -13.22 -16.56 3.44
CA ALA A 97 -12.56 -17.74 3.95
C ALA A 97 -12.75 -17.96 5.44
N LYS A 98 -13.29 -16.98 6.17
CA LYS A 98 -13.55 -17.09 7.60
C LYS A 98 -12.28 -17.33 8.41
N LEU A 99 -11.13 -16.87 7.92
CA LEU A 99 -9.87 -17.13 8.60
C LEU A 99 -9.54 -16.06 9.62
N ILE A 100 -10.19 -14.91 9.51
CA ILE A 100 -10.01 -13.75 10.37
C ILE A 100 -11.39 -13.37 10.89
N GLU A 101 -11.49 -13.02 12.16
CA GLU A 101 -12.77 -12.54 12.67
C GLU A 101 -13.17 -11.23 11.99
N THR A 102 -14.49 -11.04 11.82
CA THR A 102 -14.94 -9.92 10.99
C THR A 102 -14.68 -8.57 11.64
N ASP A 103 -14.52 -8.50 12.96
CA ASP A 103 -14.27 -7.25 13.66
C ASP A 103 -12.78 -6.96 13.84
N TRP A 104 -11.94 -7.53 12.99
CA TRP A 104 -10.48 -7.40 13.11
C TRP A 104 -10.03 -5.94 13.15
N GLU A 105 -10.70 -5.05 12.41
CA GLU A 105 -10.13 -3.72 12.17
C GLU A 105 -10.07 -2.91 13.46
N LYS A 106 -10.96 -3.16 14.41
CA LYS A 106 -10.93 -2.43 15.67
C LYS A 106 -10.00 -3.05 16.71
N ARG A 107 -9.32 -4.17 16.38
CA ARG A 107 -8.48 -4.81 17.40
C ARG A 107 -7.18 -4.06 17.63
N LEU A 108 -6.69 -3.33 16.64
CA LEU A 108 -5.46 -2.57 16.76
C LEU A 108 -5.73 -1.09 16.49
N PRO A 109 -4.92 -0.20 17.07
CA PRO A 109 -5.21 1.24 16.98
C PRO A 109 -5.17 1.77 15.55
N ASP A 110 -5.86 2.89 15.35
CA ASP A 110 -5.76 3.66 14.12
C ASP A 110 -6.19 2.83 12.90
N ASN A 111 -7.35 2.17 13.03
CA ASN A 111 -7.88 1.33 11.96
C ASN A 111 -6.94 0.18 11.62
N SER A 112 -6.20 -0.32 12.60
CA SER A 112 -5.22 -1.39 12.40
C SER A 112 -4.18 -1.03 11.34
N ALA A 113 -3.80 0.24 11.31
CA ALA A 113 -2.77 0.74 10.39
C ALA A 113 -1.70 1.47 11.22
N PRO A 114 -0.58 0.82 11.55
CA PRO A 114 0.47 1.48 12.36
C PRO A 114 1.25 2.53 11.61
N TYR A 115 1.11 2.61 10.30
CA TYR A 115 1.67 3.69 9.52
C TYR A 115 0.71 3.98 8.38
N THR A 116 0.94 5.11 7.70
CA THR A 116 0.18 5.44 6.51
C THR A 116 1.13 5.84 5.40
N SER A 117 0.57 6.01 4.23
CA SER A 117 1.28 6.59 3.12
C SER A 117 0.31 7.40 2.28
N THR A 118 0.74 7.74 1.07
CA THR A 118 -0.10 8.49 0.16
C THR A 118 0.43 8.22 -1.23
N ILE A 119 -0.23 8.79 -2.23
CA ILE A 119 0.12 8.64 -3.64
C ILE A 119 0.70 9.96 -4.13
N VAL A 120 1.88 9.88 -4.73
CA VAL A 120 2.56 11.03 -5.30
C VAL A 120 2.95 10.66 -6.73
N PHE A 121 3.48 11.63 -7.45
CA PHE A 121 3.99 11.39 -8.78
C PHE A 121 5.52 11.32 -8.72
N LEU A 122 6.11 10.37 -9.42
CA LEU A 122 7.54 10.35 -9.65
C LEU A 122 7.80 10.65 -11.12
N VAL A 123 8.61 11.66 -11.40
CA VAL A 123 8.94 12.06 -12.76
C VAL A 123 10.43 11.95 -12.96
N ARG A 124 10.87 12.07 -14.20
CA ARG A 124 12.27 12.01 -14.54
C ARG A 124 12.95 13.38 -14.35
N LYS A 125 14.28 13.34 -14.31
CA LYS A 125 15.10 14.52 -14.04
C LYS A 125 14.68 15.65 -14.94
N GLY A 126 14.45 16.81 -14.32
CA GLY A 126 14.06 18.00 -15.03
C GLY A 126 12.59 18.11 -15.30
N ASN A 127 11.78 17.10 -14.98
CA ASN A 127 10.34 17.12 -15.20
C ASN A 127 10.05 17.63 -16.62
N PRO A 128 10.55 16.93 -17.65
CA PRO A 128 10.50 17.46 -19.03
C PRO A 128 9.09 17.62 -19.57
N LYS A 129 8.11 16.88 -19.08
CA LYS A 129 6.73 17.05 -19.50
CA LYS A 129 6.73 17.06 -19.50
C LYS A 129 5.99 18.08 -18.66
N ASN A 130 6.65 18.70 -17.67
CA ASN A 130 6.04 19.76 -16.87
C ASN A 130 4.76 19.27 -16.20
N ILE A 131 4.89 18.15 -15.51
CA ILE A 131 3.78 17.52 -14.81
C ILE A 131 3.73 18.08 -13.39
N HIS A 132 2.61 18.66 -13.01
CA HIS A 132 2.44 19.23 -11.67
C HIS A 132 1.20 18.77 -10.93
N ASP A 133 0.22 18.23 -11.61
CA ASP A 133 -1.04 17.90 -10.96
C ASP A 133 -1.78 16.92 -11.86
N TRP A 134 -2.87 16.37 -11.33
CA TRP A 134 -3.66 15.37 -12.03
C TRP A 134 -4.00 15.72 -13.47
N PRO A 135 -4.40 16.96 -13.81
CA PRO A 135 -4.76 17.23 -15.22
C PRO A 135 -3.60 16.98 -16.19
N ASP A 136 -2.35 17.14 -15.76
CA ASP A 136 -1.23 16.93 -16.65
C ASP A 136 -1.10 15.49 -17.11
N LEU A 137 -1.62 14.54 -16.33
CA LEU A 137 -1.55 13.14 -16.71
C LEU A 137 -2.36 12.83 -17.95
N LEU A 138 -3.31 13.69 -18.30
CA LEU A 138 -4.19 13.48 -19.45
C LEU A 138 -3.64 14.10 -20.73
N ARG A 139 -2.58 14.89 -20.66
CA ARG A 139 -2.08 15.58 -21.82
C ARG A 139 -1.49 14.62 -22.84
N SER A 140 -1.54 15.03 -24.10
CA SER A 140 -1.13 14.17 -25.17
C SER A 140 0.35 13.88 -25.06
N GLY A 141 0.71 12.62 -25.25
CA GLY A 141 2.11 12.24 -25.22
C GLY A 141 2.67 11.98 -23.84
N VAL A 142 1.86 12.07 -22.78
CA VAL A 142 2.31 11.72 -21.45
C VAL A 142 1.99 10.25 -21.23
N ALA A 143 3.01 9.46 -20.87
CA ALA A 143 2.82 8.04 -20.57
C ALA A 143 2.89 7.84 -19.05
N VAL A 144 1.84 7.25 -18.50
CA VAL A 144 1.64 7.10 -17.05
C VAL A 144 1.76 5.64 -16.67
N VAL A 145 2.61 5.38 -15.69
CA VAL A 145 2.80 4.03 -15.15
C VAL A 145 2.00 3.91 -13.86
N THR A 146 1.12 2.91 -13.81
CA THR A 146 0.34 2.64 -12.59
C THR A 146 0.03 1.15 -12.65
N PRO A 147 -0.01 0.46 -11.51
CA PRO A 147 -0.22 -1.00 -11.51
C PRO A 147 -1.68 -1.37 -11.75
N ASN A 148 -1.90 -2.67 -11.78
CA ASN A 148 -3.21 -3.27 -12.12
C ASN A 148 -4.16 -3.28 -10.91
N PRO A 149 -5.29 -2.56 -10.96
CA PRO A 149 -6.23 -2.59 -9.84
C PRO A 149 -6.76 -3.95 -9.48
N LYS A 150 -6.72 -4.93 -10.39
CA LYS A 150 -7.25 -6.26 -10.09
C LYS A 150 -6.33 -7.07 -9.20
N THR A 151 -5.08 -6.66 -9.06
CA THR A 151 -4.09 -7.42 -8.28
C THR A 151 -3.39 -6.60 -7.20
N SER A 152 -3.21 -5.30 -7.45
CA SER A 152 -2.42 -4.41 -6.60
C SER A 152 -3.32 -3.50 -5.76
N GLY A 153 -2.90 -3.29 -4.51
CA GLY A 153 -3.55 -2.32 -3.64
C GLY A 153 -3.19 -0.89 -3.97
N GLY A 154 -1.91 -0.61 -4.14
CA GLY A 154 -1.51 0.72 -4.58
C GLY A 154 -2.20 1.16 -5.85
N ALA A 155 -2.42 0.21 -6.78
CA ALA A 155 -3.14 0.53 -7.99
C ALA A 155 -4.52 1.09 -7.71
N ARG A 156 -5.18 0.52 -6.70
CA ARG A 156 -6.50 0.97 -6.29
C ARG A 156 -6.45 2.31 -5.58
N TRP A 157 -5.48 2.52 -4.68
CA TRP A 157 -5.31 3.84 -4.09
C TRP A 157 -5.08 4.88 -5.19
N ASN A 158 -4.25 4.55 -6.19
CA ASN A 158 -3.97 5.49 -7.26
C ASN A 158 -5.24 5.89 -7.98
N TYR A 159 -6.02 4.89 -8.38
CA TYR A 159 -7.29 5.13 -9.06
C TYR A 159 -8.23 5.98 -8.19
N LEU A 160 -8.33 5.65 -6.91
CA LEU A 160 -9.25 6.38 -6.05
C LEU A 160 -8.81 7.81 -5.83
N ALA A 161 -7.50 8.06 -5.77
CA ALA A 161 -7.01 9.43 -5.69
C ALA A 161 -7.41 10.21 -6.94
N ALA A 162 -7.22 9.61 -8.13
CA ALA A 162 -7.61 10.28 -9.36
C ALA A 162 -9.12 10.55 -9.38
N TRP A 163 -9.91 9.56 -8.95
CA TRP A 163 -11.36 9.73 -8.94
C TRP A 163 -11.75 10.84 -7.97
N ALA A 164 -11.15 10.86 -6.78
CA ALA A 164 -11.46 11.89 -5.80
C ALA A 164 -11.14 13.28 -6.33
N TYR A 165 -10.04 13.42 -7.06
CA TYR A 165 -9.71 14.71 -7.67
C TYR A 165 -10.80 15.12 -8.66
N ALA A 166 -11.17 14.21 -9.54
CA ALA A 166 -12.20 14.49 -10.54
C ALA A 166 -13.54 14.78 -9.88
N ASP A 167 -13.88 14.04 -8.83
CA ASP A 167 -15.11 14.31 -8.10
C ASP A 167 -15.12 15.73 -7.56
N HIS A 168 -13.98 16.20 -7.07
CA HIS A 168 -13.91 17.56 -6.58
C HIS A 168 -14.11 18.56 -7.71
N ILE A 169 -13.33 18.45 -8.80
CA ILE A 169 -13.39 19.48 -9.82
C ILE A 169 -14.73 19.46 -10.56
N PHE A 170 -15.38 18.32 -10.66
CA PHE A 170 -16.65 18.19 -11.38
C PHE A 170 -17.85 18.17 -10.45
N LYS A 171 -17.63 18.46 -9.18
CA LYS A 171 -18.74 18.51 -8.22
C LYS A 171 -19.62 17.26 -8.32
N GLY A 172 -18.99 16.09 -8.42
CA GLY A 172 -19.72 14.84 -8.34
C GLY A 172 -20.40 14.37 -9.60
N ASP A 173 -20.24 15.05 -10.72
CA ASP A 173 -20.93 14.69 -11.95
C ASP A 173 -20.31 13.42 -12.54
N ARG A 174 -21.03 12.31 -12.42
CA ARG A 174 -20.48 10.99 -12.75
C ARG A 174 -20.03 10.90 -14.20
N GLU A 175 -20.81 11.45 -15.13
CA GLU A 175 -20.44 11.30 -16.54
C GLU A 175 -19.16 12.03 -16.83
N ARG A 176 -18.96 13.18 -16.20
CA ARG A 176 -17.73 13.93 -16.40
C ARG A 176 -16.55 13.24 -15.74
N ILE A 177 -16.75 12.65 -14.58
CA ILE A 177 -15.68 11.90 -13.92
C ILE A 177 -15.25 10.74 -14.80
N LEU A 178 -16.23 10.00 -15.32
CA LEU A 178 -15.91 8.84 -16.14
C LEU A 178 -15.10 9.23 -17.37
N ARG A 179 -15.46 10.36 -18.02
CA ARG A 179 -14.68 10.79 -19.17
C ARG A 179 -13.25 11.16 -18.78
N TYR A 180 -13.07 11.78 -17.61
N TYR A 180 -13.08 11.76 -17.60
CA TYR A 180 -11.73 12.11 -17.13
CA TYR A 180 -11.75 12.12 -17.11
C TYR A 180 -10.92 10.84 -16.90
C TYR A 180 -10.91 10.87 -16.86
N MET A 181 -11.53 9.85 -16.25
CA MET A 181 -10.80 8.62 -15.98
C MET A 181 -10.43 7.90 -17.27
N GLN A 182 -11.31 7.93 -18.27
CA GLN A 182 -10.98 7.38 -19.57
C GLN A 182 -9.80 8.10 -20.20
N ALA A 183 -9.77 9.44 -20.09
CA ALA A 183 -8.65 10.19 -20.63
C ALA A 183 -7.35 9.82 -19.92
N LEU A 184 -7.40 9.60 -18.60
CA LEU A 184 -6.21 9.21 -17.86
C LEU A 184 -5.73 7.84 -18.34
N PHE A 185 -6.64 6.87 -18.40
CA PHE A 185 -6.25 5.51 -18.73
C PHE A 185 -5.87 5.33 -20.19
N ARG A 186 -6.28 6.24 -21.08
CA ARG A 186 -5.73 6.22 -22.45
C ARG A 186 -4.23 6.45 -22.43
N ASN A 187 -3.69 7.08 -21.38
CA ASN A 187 -2.27 7.33 -21.25
C ASN A 187 -1.53 6.30 -20.40
N VAL A 188 -2.18 5.18 -20.07
CA VAL A 188 -1.56 4.14 -19.25
C VAL A 188 -1.27 2.94 -20.14
N PRO A 189 -0.04 2.72 -20.55
CA PRO A 189 0.22 1.60 -21.48
C PRO A 189 0.38 0.24 -20.82
N VAL A 190 0.79 0.16 -19.54
CA VAL A 190 1.09 -1.12 -18.91
C VAL A 190 0.56 -1.11 -17.48
N LEU A 191 0.08 -2.27 -17.02
CA LEU A 191 -0.51 -2.45 -15.69
C LEU A 191 0.18 -3.61 -14.97
N ASP A 192 1.19 -3.32 -14.17
CA ASP A 192 1.95 -4.37 -13.52
C ASP A 192 1.16 -5.00 -12.37
N THR A 193 1.50 -6.24 -12.05
CA THR A 193 0.73 -6.98 -11.06
C THR A 193 0.88 -6.39 -9.67
N GLY A 194 2.08 -5.94 -9.31
CA GLY A 194 2.32 -5.36 -8.01
C GLY A 194 3.04 -4.04 -8.14
N ALA A 195 2.95 -3.22 -7.10
CA ALA A 195 3.51 -1.89 -7.18
C ALA A 195 5.02 -1.86 -7.27
N ARG A 196 5.73 -2.85 -6.71
CA ARG A 196 7.17 -2.86 -6.91
C ARG A 196 7.50 -3.10 -8.38
N GLY A 197 6.68 -3.93 -9.07
CA GLY A 197 6.81 -4.09 -10.51
C GLY A 197 6.62 -2.79 -11.26
N ALA A 198 5.59 -2.02 -10.88
CA ALA A 198 5.36 -0.73 -11.50
C ALA A 198 6.53 0.21 -11.28
N THR A 199 7.04 0.26 -10.04
CA THR A 199 8.17 1.13 -9.75
C THR A 199 9.35 0.75 -10.62
N THR A 200 9.61 -0.56 -10.74
CA THR A 200 10.74 -1.05 -11.51
C THR A 200 10.57 -0.75 -13.00
N THR A 201 9.36 -0.94 -13.52
CA THR A 201 9.05 -0.58 -14.90
C THR A 201 9.48 0.84 -15.22
N PHE A 202 9.15 1.78 -14.34
CA PHE A 202 9.49 3.17 -14.54
C PHE A 202 10.97 3.46 -14.29
N VAL A 203 11.47 3.06 -13.12
CA VAL A 203 12.80 3.48 -12.67
C VAL A 203 13.90 2.70 -13.37
N GLN A 204 13.74 1.40 -13.55
CA GLN A 204 14.79 0.56 -14.11
C GLN A 204 14.62 0.29 -15.59
N ARG A 205 13.40 0.08 -16.06
CA ARG A 205 13.15 -0.33 -17.43
C ARG A 205 12.82 0.84 -18.35
N GLY A 206 12.74 2.06 -17.84
CA GLY A 206 12.68 3.21 -18.71
C GLY A 206 11.36 3.47 -19.37
N ILE A 207 10.29 2.87 -18.87
CA ILE A 207 8.96 3.05 -19.44
C ILE A 207 8.26 4.20 -18.73
N GLY A 208 7.63 5.09 -19.49
CA GLY A 208 6.76 6.10 -18.93
C GLY A 208 7.48 7.40 -18.63
N ASP A 209 6.66 8.45 -18.54
CA ASP A 209 7.11 9.75 -18.08
C ASP A 209 6.80 9.99 -16.61
N VAL A 210 5.81 9.33 -16.05
CA VAL A 210 5.42 9.58 -14.67
C VAL A 210 4.91 8.27 -14.10
N LEU A 211 5.31 8.00 -12.87
CA LEU A 211 4.80 6.89 -12.07
C LEU A 211 3.83 7.42 -11.04
N LEU A 212 2.65 6.82 -10.97
CA LEU A 212 1.74 7.04 -9.84
C LEU A 212 2.23 6.11 -8.74
N ALA A 213 2.89 6.67 -7.76
CA ALA A 213 3.72 5.92 -6.83
C ALA A 213 3.17 5.97 -5.40
N TRP A 214 3.31 4.86 -4.68
CA TRP A 214 3.33 4.95 -3.24
C TRP A 214 4.41 5.96 -2.85
N GLU A 215 4.13 6.84 -1.89
CA GLU A 215 5.17 7.76 -1.46
C GLU A 215 6.43 7.04 -1.00
N ASN A 216 6.26 5.92 -0.30
CA ASN A 216 7.45 5.22 0.18
C ASN A 216 8.29 4.71 -0.99
N GLU A 217 7.65 4.31 -2.11
CA GLU A 217 8.38 3.85 -3.30
C GLU A 217 9.07 5.01 -3.98
N ALA A 218 8.42 6.18 -4.06
CA ALA A 218 9.03 7.35 -4.65
C ALA A 218 10.26 7.78 -3.88
N LEU A 219 10.14 7.83 -2.54
CA LEU A 219 11.26 8.23 -1.70
C LEU A 219 12.39 7.22 -1.79
N LEU A 220 12.06 5.93 -1.82
CA LEU A 220 13.11 4.92 -1.92
C LEU A 220 13.84 5.04 -3.25
N ALA A 221 13.10 5.24 -4.34
CA ALA A 221 13.72 5.38 -5.65
C ALA A 221 14.62 6.58 -5.70
N ARG A 222 14.21 7.70 -5.11
CA ARG A 222 15.02 8.91 -5.14
C ARG A 222 16.27 8.73 -4.29
N GLU A 223 16.17 8.00 -3.19
CA GLU A 223 17.35 7.78 -2.36
C GLU A 223 18.30 6.79 -3.02
N GLU A 224 17.76 5.71 -3.58
CA GLU A 224 18.61 4.67 -4.17
C GLU A 224 19.31 5.16 -5.43
N LEU A 225 18.58 5.81 -6.34
CA LEU A 225 19.12 6.18 -7.64
C LEU A 225 19.59 7.63 -7.71
N GLY A 226 19.18 8.45 -6.77
CA GLY A 226 19.64 9.83 -6.67
C GLY A 226 18.54 10.83 -6.99
N LYS A 227 18.56 11.95 -6.27
CA LYS A 227 17.73 13.10 -6.63
C LYS A 227 18.08 13.61 -8.02
N ASP A 228 19.23 13.19 -8.56
CA ASP A 228 19.67 13.60 -9.89
C ASP A 228 18.96 12.87 -11.02
N LYS A 229 18.25 11.77 -10.75
CA LYS A 229 17.58 11.01 -11.80
C LYS A 229 16.07 11.11 -11.74
N PHE A 230 15.49 11.27 -10.56
CA PHE A 230 14.04 11.30 -10.38
C PHE A 230 13.65 12.42 -9.43
N GLU A 231 12.43 12.93 -9.62
CA GLU A 231 11.89 14.00 -8.82
C GLU A 231 10.48 13.64 -8.39
N ILE A 232 10.14 13.99 -7.17
CA ILE A 232 8.80 13.75 -6.64
C ILE A 232 7.98 15.01 -6.85
N VAL A 233 6.81 14.86 -7.47
CA VAL A 233 5.82 15.91 -7.62
C VAL A 233 4.65 15.57 -6.73
N VAL A 234 4.29 16.50 -5.87
CA VAL A 234 3.19 16.31 -4.93
C VAL A 234 1.94 16.91 -5.58
N PRO A 235 0.93 16.12 -5.91
CA PRO A 235 -0.25 16.69 -6.57
C PRO A 235 -1.06 17.50 -5.57
N LYS A 236 -2.04 18.25 -6.08
CA LYS A 236 -2.77 19.20 -5.26
C LYS A 236 -3.86 18.55 -4.43
N LEU A 237 -4.13 17.27 -4.61
CA LEU A 237 -4.97 16.47 -3.73
C LEU A 237 -4.44 15.05 -3.88
N SER A 238 -4.44 14.31 -2.78
CA SER A 238 -4.21 12.88 -2.88
C SER A 238 -5.05 12.18 -1.80
N ILE A 239 -4.78 10.90 -1.60
CA ILE A 239 -5.56 10.08 -0.68
C ILE A 239 -4.66 9.59 0.45
N LEU A 240 -5.25 9.46 1.63
CA LEU A 240 -4.58 8.85 2.77
C LEU A 240 -4.65 7.34 2.58
N ALA A 241 -3.53 6.73 2.26
CA ALA A 241 -3.47 5.29 2.12
C ALA A 241 -3.19 4.67 3.49
N GLU A 242 -4.07 3.78 3.93
CA GLU A 242 -4.00 3.12 5.23
C GLU A 242 -3.78 1.63 5.05
N PRO A 243 -2.53 1.15 5.09
CA PRO A 243 -2.25 -0.28 4.93
C PRO A 243 -2.55 -1.06 6.20
N SER A 244 -3.44 -2.00 6.14
CA SER A 244 -4.05 -2.65 7.29
C SER A 244 -3.32 -3.94 7.62
N VAL A 245 -3.16 -4.19 8.91
CA VAL A 245 -2.55 -5.42 9.40
C VAL A 245 -3.57 -6.18 10.24
N ALA A 246 -3.42 -7.51 10.26
CA ALA A 246 -4.35 -8.33 11.04
C ALA A 246 -3.76 -9.69 11.37
N LEU A 247 -4.14 -10.17 12.54
CA LEU A 247 -3.84 -11.53 12.99
C LEU A 247 -4.80 -12.49 12.29
N VAL A 248 -4.27 -13.58 11.73
CA VAL A 248 -5.10 -14.57 11.03
C VAL A 248 -5.49 -15.63 12.05
N ASP A 249 -6.64 -15.41 12.70
CA ASP A 249 -7.08 -16.18 13.85
C ASP A 249 -6.97 -17.68 13.61
N LYS A 250 -7.59 -18.17 12.54
CA LYS A 250 -7.67 -19.62 12.40
C LYS A 250 -6.28 -20.23 12.21
N ASN A 251 -5.37 -19.52 11.54
CA ASN A 251 -4.05 -20.07 11.28
C ASN A 251 -3.14 -19.99 12.51
N VAL A 252 -3.23 -18.91 13.30
CA VAL A 252 -2.40 -18.87 14.49
C VAL A 252 -2.87 -19.88 15.52
N ASP A 253 -4.18 -20.15 15.56
CA ASP A 253 -4.67 -21.18 16.47
C ASP A 253 -4.28 -22.56 16.00
N LYS A 254 -4.26 -22.80 14.69
CA LYS A 254 -3.77 -24.07 14.16
C LYS A 254 -2.28 -24.26 14.42
N HIS A 255 -1.49 -23.20 14.27
CA HIS A 255 -0.04 -23.27 14.38
C HIS A 255 0.45 -23.14 15.82
N GLY A 256 -0.40 -22.69 16.75
CA GLY A 256 0.06 -22.40 18.10
C GLY A 256 0.91 -21.16 18.24
N THR A 257 0.66 -20.13 17.41
CA THR A 257 1.53 -18.95 17.31
C THR A 257 0.81 -17.66 17.75
N ARG A 258 -0.35 -17.78 18.41
CA ARG A 258 -1.17 -16.61 18.68
C ARG A 258 -0.41 -15.54 19.47
N GLU A 259 0.24 -15.92 20.57
CA GLU A 259 0.85 -14.91 21.43
C GLU A 259 1.97 -14.17 20.70
N VAL A 260 2.85 -14.90 20.03
N VAL A 260 2.85 -14.92 20.02
CA VAL A 260 3.96 -14.25 19.36
CA VAL A 260 3.96 -14.27 19.34
C VAL A 260 3.46 -13.44 18.16
C VAL A 260 3.47 -13.46 18.16
N ALA A 261 2.46 -13.95 17.43
CA ALA A 261 1.92 -13.21 16.29
C ALA A 261 1.28 -11.91 16.74
N GLU A 262 0.56 -11.94 17.87
CA GLU A 262 -0.02 -10.72 18.42
C GLU A 262 1.07 -9.72 18.75
N ALA A 263 2.14 -10.19 19.40
CA ALA A 263 3.24 -9.31 19.77
C ALA A 263 3.90 -8.74 18.53
N TYR A 264 4.04 -9.55 17.49
CA TYR A 264 4.65 -9.10 16.24
C TYR A 264 3.89 -7.92 15.65
N LEU A 265 2.56 -8.00 15.62
CA LEU A 265 1.78 -6.89 15.09
C LEU A 265 1.80 -5.71 16.04
N ARG A 266 1.72 -5.96 17.36
CA ARG A 266 1.66 -4.84 18.28
C ARG A 266 2.96 -4.07 18.34
N TYR A 267 4.09 -4.74 18.10
CA TYR A 267 5.37 -4.05 18.16
C TYR A 267 5.58 -3.12 16.97
N LEU A 268 4.76 -3.24 15.90
CA LEU A 268 4.79 -2.24 14.84
C LEU A 268 4.43 -0.86 15.38
N TYR A 269 3.63 -0.82 16.46
CA TYR A 269 3.20 0.43 17.07
C TYR A 269 4.16 0.90 18.15
N ALA A 270 5.13 0.08 18.53
CA ALA A 270 6.07 0.45 19.56
C ALA A 270 7.05 1.49 19.00
N PRO A 271 7.79 2.18 19.85
CA PRO A 271 8.74 3.18 19.35
C PRO A 271 9.65 2.66 18.26
N GLU A 272 10.19 1.45 18.42
CA GLU A 272 11.13 0.96 17.41
C GLU A 272 10.43 0.69 16.10
N GLY A 273 9.20 0.15 16.14
CA GLY A 273 8.47 -0.06 14.91
C GLY A 273 8.16 1.25 14.18
N GLN A 274 7.76 2.27 14.93
CA GLN A 274 7.44 3.57 14.34
C GLN A 274 8.69 4.23 13.76
N LYS A 275 9.81 4.11 14.48
CA LYS A 275 11.08 4.64 13.98
C LYS A 275 11.49 3.95 12.69
N LEU A 276 11.39 2.62 12.64
CA LEU A 276 11.74 1.88 11.43
C LEU A 276 10.80 2.20 10.28
N ALA A 277 9.53 2.43 10.56
CA ALA A 277 8.61 2.79 9.49
C ALA A 277 9.09 4.06 8.81
N ALA A 278 9.42 5.08 9.58
CA ALA A 278 9.83 6.35 9.00
C ALA A 278 11.15 6.22 8.27
N LYS A 279 12.07 5.40 8.80
CA LYS A 279 13.35 5.15 8.14
C LYS A 279 13.14 4.58 6.75
N HIS A 280 12.09 3.75 6.58
CA HIS A 280 11.74 3.11 5.32
C HIS A 280 10.68 3.88 4.54
N PHE A 281 10.46 5.14 4.88
CA PHE A 281 9.72 6.12 4.09
C PHE A 281 8.21 5.97 4.21
N TYR A 282 7.74 5.36 5.30
CA TYR A 282 6.33 5.31 5.65
C TYR A 282 6.05 6.33 6.74
N ARG A 283 4.88 6.93 6.71
CA ARG A 283 4.54 7.95 7.71
C ARG A 283 4.03 7.29 8.98
N PRO A 284 4.78 7.35 10.09
CA PRO A 284 4.30 6.69 11.31
C PRO A 284 3.08 7.38 11.89
N ARG A 285 2.25 6.60 12.57
CA ARG A 285 1.17 7.22 13.33
C ARG A 285 1.70 8.07 14.48
N HIS A 286 2.88 7.73 15.00
CA HIS A 286 3.48 8.40 16.14
C HIS A 286 4.88 8.89 15.77
N PRO A 287 4.97 9.99 15.03
CA PRO A 287 6.27 10.47 14.55
C PRO A 287 7.21 10.93 15.64
N GLU A 288 6.72 11.13 16.86
CA GLU A 288 7.60 11.51 17.96
C GLU A 288 8.64 10.44 18.26
N PHE A 289 8.42 9.20 17.82
CA PHE A 289 9.38 8.13 18.06
C PHE A 289 10.40 7.99 16.94
N ALA A 290 10.23 8.71 15.84
CA ALA A 290 11.09 8.57 14.67
C ALA A 290 12.23 9.57 14.69
N ASP A 291 13.25 9.28 13.91
CA ASP A 291 14.32 10.23 13.67
C ASP A 291 13.74 11.47 13.00
N PRO A 292 13.96 12.68 13.55
CA PRO A 292 13.39 13.88 12.91
C PRO A 292 13.82 14.08 11.49
N ALA A 293 15.00 13.59 11.10
CA ALA A 293 15.41 13.73 9.70
C ALA A 293 14.53 12.90 8.78
N ASP A 294 14.05 11.75 9.27
CA ASP A 294 13.15 10.93 8.46
C ASP A 294 11.79 11.59 8.35
N ILE A 295 11.31 12.22 9.41
CA ILE A 295 10.03 12.91 9.38
C ILE A 295 10.09 14.10 8.44
N ALA A 296 11.24 14.78 8.38
CA ALA A 296 11.40 15.95 7.54
C ALA A 296 11.28 15.61 6.06
N ARG A 297 11.42 14.35 5.67
CA ARG A 297 11.33 13.99 4.25
C ARG A 297 9.91 14.05 3.73
N PHE A 298 8.92 14.04 4.60
CA PHE A 298 7.54 13.92 4.17
C PHE A 298 6.96 15.30 3.88
N PRO A 299 6.59 15.62 2.65
CA PRO A 299 6.08 16.95 2.34
C PRO A 299 4.63 17.11 2.78
N GLU A 300 4.24 18.36 2.91
CA GLU A 300 2.84 18.67 3.15
C GLU A 300 2.01 18.26 1.92
N ILE A 301 0.89 17.60 2.17
CA ILE A 301 0.01 17.15 1.10
C ILE A 301 -1.43 17.21 1.59
N LYS A 302 -2.33 17.64 0.71
CA LYS A 302 -3.76 17.74 1.02
C LYS A 302 -4.39 16.40 0.70
N LEU A 303 -5.08 15.83 1.69
CA LEU A 303 -5.54 14.45 1.61
C LEU A 303 -7.00 14.31 1.95
N VAL A 304 -7.70 13.45 1.20
CA VAL A 304 -8.98 12.90 1.59
C VAL A 304 -8.76 11.48 2.07
N THR A 305 -9.69 10.96 2.85
CA THR A 305 -9.66 9.58 3.29
C THR A 305 -10.64 8.73 2.48
N ILE A 306 -10.50 7.40 2.59
CA ILE A 306 -11.42 6.48 1.91
C ILE A 306 -12.85 6.73 2.37
N GLN A 307 -13.04 6.96 3.66
CA GLN A 307 -14.39 7.18 4.16
C GLN A 307 -14.99 8.45 3.59
N GLN A 308 -14.21 9.52 3.57
CA GLN A 308 -14.72 10.80 3.07
C GLN A 308 -15.07 10.73 1.59
N ALA A 309 -14.21 10.11 0.80
CA ALA A 309 -14.36 10.17 -0.63
C ALA A 309 -15.23 9.06 -1.19
N PHE A 310 -15.36 7.92 -0.48
CA PHE A 310 -16.05 6.75 -1.02
C PHE A 310 -16.98 6.06 -0.04
N GLY A 311 -17.07 6.53 1.19
CA GLY A 311 -17.97 5.96 2.19
C GLY A 311 -17.33 4.81 2.92
N SER A 312 -16.89 3.78 2.20
CA SER A 312 -16.25 2.63 2.81
C SER A 312 -15.44 1.90 1.76
N TRP A 313 -14.52 1.07 2.22
CA TRP A 313 -13.81 0.19 1.31
C TRP A 313 -14.75 -0.76 0.59
N GLU A 314 -15.77 -1.27 1.30
CA GLU A 314 -16.68 -2.20 0.67
C GLU A 314 -17.34 -1.55 -0.54
N LYS A 315 -17.80 -0.31 -0.36
CA LYS A 315 -18.47 0.39 -1.45
C LYS A 315 -17.51 0.68 -2.59
N ALA A 316 -16.31 1.18 -2.27
CA ALA A 316 -15.35 1.53 -3.31
C ALA A 316 -14.94 0.31 -4.11
N GLN A 317 -14.59 -0.77 -3.41
CA GLN A 317 -14.12 -1.97 -4.08
C GLN A 317 -15.19 -2.55 -4.99
N GLN A 318 -16.40 -2.71 -4.48
N GLN A 318 -16.41 -2.74 -4.47
CA GLN A 318 -17.42 -3.36 -5.28
CA GLN A 318 -17.43 -3.36 -5.31
C GLN A 318 -17.81 -2.52 -6.49
C GLN A 318 -17.74 -2.50 -6.53
N GLU A 319 -17.87 -1.20 -6.34
CA GLU A 319 -18.24 -0.35 -7.46
C GLU A 319 -17.13 -0.31 -8.50
N HIS A 320 -15.90 -0.04 -8.06
CA HIS A 320 -14.84 0.30 -8.99
C HIS A 320 -14.00 -0.88 -9.45
N PHE A 321 -13.74 -1.85 -8.57
CA PHE A 321 -12.69 -2.82 -8.82
C PHE A 321 -13.16 -4.24 -9.03
N ALA A 322 -14.39 -4.55 -8.67
CA ALA A 322 -14.95 -5.86 -9.02
C ALA A 322 -14.91 -6.05 -10.53
N ASP A 323 -14.79 -7.29 -10.97
CA ASP A 323 -14.91 -7.56 -12.39
C ASP A 323 -16.25 -7.04 -12.90
N GLY A 324 -16.23 -6.35 -14.06
CA GLY A 324 -17.41 -5.72 -14.61
C GLY A 324 -17.67 -4.33 -14.07
N GLY A 325 -16.96 -3.92 -13.02
CA GLY A 325 -17.16 -2.64 -12.40
C GLY A 325 -16.58 -1.49 -13.19
N VAL A 326 -16.45 -0.36 -12.50
CA VAL A 326 -16.20 0.89 -13.20
C VAL A 326 -14.83 0.89 -13.88
N PHE A 327 -13.79 0.36 -13.23
CA PHE A 327 -12.49 0.31 -13.89
C PHE A 327 -12.57 -0.46 -15.19
N ASP A 328 -13.21 -1.62 -15.19
CA ASP A 328 -13.36 -2.39 -16.42
C ASP A 328 -14.15 -1.61 -17.47
N GLN A 329 -15.15 -0.85 -17.03
CA GLN A 329 -15.93 -0.04 -17.97
C GLN A 329 -15.08 1.07 -18.58
N ILE A 330 -14.27 1.74 -17.76
CA ILE A 330 -13.37 2.78 -18.24
C ILE A 330 -12.43 2.20 -19.28
N GLN A 331 -11.87 1.03 -18.99
CA GLN A 331 -10.92 0.41 -19.90
C GLN A 331 -11.59 0.00 -21.21
N ALA A 332 -12.85 -0.43 -21.16
CA ALA A 332 -13.57 -0.83 -22.37
C ALA A 332 -14.06 0.37 -23.18
N ASN A 333 -14.36 1.49 -22.54
CA ASN A 333 -14.99 2.64 -23.19
C ASN A 333 -14.00 3.71 -23.60
N LYS A 334 -12.78 3.71 -23.08
CA LYS A 334 -11.81 4.76 -23.40
C LYS A 334 -11.37 4.69 -24.85
#